data_4P8S
#
_entry.id   4P8S
#
_cell.length_a   56.822
_cell.length_b   56.517
_cell.length_c   128.960
_cell.angle_alpha   90.00
_cell.angle_beta   90.00
_cell.angle_gamma   90.00
#
_symmetry.space_group_name_H-M   'P 21 21 21'
#
loop_
_entity.id
_entity.type
_entity.pdbx_description
1 polymer 'Reticulon-4 receptor-like 2'
2 branched 2-acetamido-2-deoxy-alpha-D-glucopyranose-(1-4)-2-acetamido-2-deoxy-beta-D-glucopyranose
3 branched 2-acetamido-2-deoxy-beta-D-glucopyranose-(1-4)-2-acetamido-2-deoxy-beta-D-glucopyranose
4 non-polymer 2-acetamido-2-deoxy-beta-D-glucopyranose
5 water water
#
_entity_poly.entity_id   1
_entity_poly.type   'polypeptide(L)'
_entity_poly.pdbx_seq_one_letter_code
;PSCPMLCTCYSSPPTVSCQANNFSSVPLSLPPSTQRLFLQNNLIRSLRPGTFGPNLLTLWLFSNNLSTIYPGTFRHLQAL
EELDLGDNRHLRSLEPDTFQGLERLQSLHLYRCQLSSLPGNIFRGLVSLQYLYLQENSLLHLQDDLFADLANLSHLFLHG
NRLRLLTEHVFRGLGSLDRLLLHGNRLQGVHRAAFHGLSRLTILYLFNNSLASLPGEALADLPALEFLRLNANPWACDCR
ARPLWAWFQRARVSSSDVTCATPPERQGRDLRTLRDTDFQAC
;
_entity_poly.pdbx_strand_id   A
#
# COMPACT_ATOMS: atom_id res chain seq x y z
N PRO A 1 35.74 -12.60 13.23
CA PRO A 1 35.17 -11.37 12.64
C PRO A 1 33.96 -10.75 13.45
N SER A 2 34.17 -10.08 14.58
CA SER A 2 32.99 -9.92 15.48
C SER A 2 31.99 -8.76 15.24
N CYS A 3 32.42 -7.57 14.78
CA CYS A 3 31.42 -6.56 14.41
C CYS A 3 31.88 -5.84 13.13
N PRO A 4 30.96 -5.61 12.17
CA PRO A 4 31.31 -4.84 10.98
C PRO A 4 31.87 -3.48 11.27
N MET A 5 32.70 -3.02 10.36
CA MET A 5 33.39 -1.81 10.56
C MET A 5 32.49 -0.56 10.79
N LEU A 6 32.74 0.19 11.88
CA LEU A 6 31.97 1.41 12.33
C LEU A 6 30.55 1.12 12.88
N CYS A 7 30.18 -0.14 12.91
CA CYS A 7 28.93 -0.56 13.52
C CYS A 7 29.08 -0.96 14.99
N THR A 8 27.92 -1.18 15.63
CA THR A 8 27.89 -1.67 17.02
C THR A 8 27.05 -2.93 17.04
N CYS A 9 27.48 -3.96 17.76
CA CYS A 9 26.81 -5.25 17.67
C CYS A 9 26.34 -5.59 19.06
N TYR A 10 25.25 -6.36 19.12
CA TYR A 10 24.69 -6.82 20.42
C TYR A 10 24.42 -8.26 20.29
N SER A 11 24.45 -9.00 21.42
CA SER A 11 24.17 -10.42 21.31
C SER A 11 22.75 -10.95 21.62
N SER A 12 21.88 -10.21 22.31
CA SER A 12 20.53 -10.79 22.49
C SER A 12 19.40 -9.82 22.16
N PRO A 13 18.70 -10.05 21.05
CA PRO A 13 19.11 -10.98 20.08
C PRO A 13 20.33 -10.45 19.25
N PRO A 14 20.95 -11.32 18.43
CA PRO A 14 22.10 -10.93 17.62
C PRO A 14 21.70 -9.77 16.69
N THR A 15 22.28 -8.60 16.89
CA THR A 15 21.78 -7.38 16.21
C THR A 15 23.05 -6.69 15.71
N VAL A 16 22.99 -6.07 14.53
CA VAL A 16 24.09 -5.25 14.09
C VAL A 16 23.48 -3.86 13.77
N SER A 17 23.97 -2.86 14.45
CA SER A 17 23.47 -1.47 14.32
C SER A 17 24.49 -0.69 13.54
N CYS A 18 24.06 -0.26 12.34
CA CYS A 18 24.96 0.35 11.38
C CYS A 18 24.41 1.70 10.89
N GLN A 19 23.47 2.25 11.66
CA GLN A 19 22.71 3.45 11.25
C GLN A 19 23.62 4.70 11.18
N ALA A 20 23.38 5.62 10.23
CA ALA A 20 23.90 6.99 10.28
C ALA A 20 25.41 7.08 10.15
N ASN A 21 25.99 6.30 9.27
CA ASN A 21 27.45 6.35 9.02
C ASN A 21 27.83 6.92 7.66
N ASN A 22 26.83 7.40 6.91
CA ASN A 22 27.00 7.70 5.49
C ASN A 22 27.64 6.61 4.66
N PHE A 23 27.33 5.35 4.93
CA PHE A 23 27.91 4.29 4.13
C PHE A 23 27.44 4.36 2.69
N SER A 24 28.35 4.07 1.76
CA SER A 24 27.93 3.88 0.37
C SER A 24 27.57 2.41 0.03
N SER A 25 27.94 1.43 0.84
CA SER A 25 27.61 0.02 0.54
C SER A 25 27.25 -0.64 1.87
N VAL A 26 26.59 -1.79 1.77
CA VAL A 26 26.33 -2.62 2.97
C VAL A 26 27.69 -3.13 3.49
N PRO A 27 27.95 -2.93 4.79
CA PRO A 27 29.22 -3.37 5.38
C PRO A 27 29.44 -4.86 5.17
N LEU A 28 30.72 -5.21 5.14
CA LEU A 28 31.17 -6.59 5.01
C LEU A 28 31.27 -7.32 6.34
N SER A 29 31.41 -8.65 6.29
CA SER A 29 31.62 -9.47 7.53
C SER A 29 30.48 -9.35 8.55
N LEU A 30 29.27 -9.28 8.03
CA LEU A 30 28.06 -9.41 8.88
C LEU A 30 28.10 -10.80 9.53
N PRO A 31 27.98 -10.86 10.85
CA PRO A 31 27.96 -12.20 11.47
C PRO A 31 26.77 -13.04 10.96
N PRO A 32 26.99 -14.33 10.58
CA PRO A 32 25.86 -15.13 10.04
C PRO A 32 24.67 -15.28 11.01
N SER A 33 24.92 -15.17 12.30
CA SER A 33 23.91 -15.30 13.36
C SER A 33 22.93 -14.10 13.37
N THR A 34 23.23 -13.01 12.64
CA THR A 34 22.54 -11.71 12.85
C THR A 34 21.06 -11.87 12.57
N GLN A 35 20.23 -11.41 13.52
CA GLN A 35 18.80 -11.41 13.27
C GLN A 35 18.24 -10.03 12.95
N ARG A 36 18.87 -8.96 13.43
CA ARG A 36 18.34 -7.58 13.21
C ARG A 36 19.45 -6.81 12.61
N LEU A 37 19.22 -6.20 11.46
CA LEU A 37 20.27 -5.42 10.78
C LEU A 37 19.70 -4.01 10.47
N PHE A 38 20.29 -3.00 11.06
CA PHE A 38 19.81 -1.60 11.06
C PHE A 38 20.78 -0.85 10.19
N LEU A 39 20.38 -0.61 8.96
CA LEU A 39 21.22 0.15 8.02
C LEU A 39 20.58 1.48 7.58
N GLN A 40 19.54 1.93 8.28
CA GLN A 40 18.89 3.18 7.85
C GLN A 40 19.76 4.43 7.98
N ASN A 41 19.40 5.49 7.24
CA ASN A 41 20.17 6.75 7.26
C ASN A 41 21.63 6.57 6.86
N ASN A 42 21.86 5.85 5.76
CA ASN A 42 23.17 5.80 5.13
C ASN A 42 22.98 6.31 3.68
N LEU A 43 23.97 6.11 2.83
CA LEU A 43 23.88 6.57 1.43
C LEU A 43 24.11 5.40 0.50
N ILE A 44 23.56 4.25 0.87
CA ILE A 44 23.86 3.06 0.14
C ILE A 44 23.12 3.15 -1.21
N ARG A 45 23.79 2.84 -2.29
CA ARG A 45 23.18 3.02 -3.66
C ARG A 45 22.67 1.74 -4.32
N SER A 46 23.30 0.60 -4.04
CA SER A 46 22.92 -0.66 -4.73
C SER A 46 22.91 -1.79 -3.71
N LEU A 47 22.07 -2.80 -3.96
CA LEU A 47 22.15 -4.03 -3.20
C LEU A 47 22.39 -5.16 -4.15
N ARG A 48 23.17 -6.17 -3.74
CA ARG A 48 23.45 -7.32 -4.58
C ARG A 48 23.29 -8.60 -3.76
N PRO A 49 23.13 -9.76 -4.45
CA PRO A 49 23.19 -11.06 -3.84
C PRO A 49 24.53 -11.28 -3.17
N GLY A 50 24.51 -12.11 -2.13
CA GLY A 50 25.72 -12.42 -1.34
C GLY A 50 26.06 -11.37 -0.31
N THR A 51 25.12 -10.47 -0.03
CA THR A 51 25.38 -9.35 0.88
C THR A 51 24.77 -9.61 2.26
N PHE A 52 23.61 -10.26 2.31
CA PHE A 52 22.89 -10.42 3.56
C PHE A 52 22.93 -11.87 3.95
N GLY A 53 22.99 -12.14 5.26
CA GLY A 53 23.06 -13.50 5.75
C GLY A 53 21.66 -14.09 5.95
N PRO A 54 21.60 -15.41 6.15
CA PRO A 54 20.27 -16.05 6.10
C PRO A 54 19.37 -16.04 7.30
N ASN A 55 19.84 -15.58 8.44
CA ASN A 55 19.12 -15.59 9.68
C ASN A 55 18.38 -14.29 9.95
N LEU A 56 18.53 -13.29 9.06
CA LEU A 56 17.85 -12.01 9.29
C LEU A 56 16.33 -12.15 9.47
N LEU A 57 15.81 -11.46 10.47
CA LEU A 57 14.38 -11.34 10.68
C LEU A 57 13.95 -9.90 10.38
N THR A 58 14.85 -8.93 10.68
CA THR A 58 14.48 -7.48 10.47
C THR A 58 15.58 -6.85 9.66
N LEU A 59 15.21 -6.12 8.59
CA LEU A 59 16.22 -5.44 7.79
C LEU A 59 15.67 -4.06 7.49
N TRP A 60 16.34 -3.04 8.04
CA TRP A 60 15.91 -1.64 7.85
C TRP A 60 16.94 -0.98 6.95
N LEU A 61 16.44 -0.50 5.79
CA LEU A 61 17.26 0.20 4.77
C LEU A 61 16.60 1.50 4.36
N PHE A 62 15.74 2.02 5.22
CA PHE A 62 15.12 3.26 4.88
C PHE A 62 16.07 4.44 4.92
N SER A 63 15.71 5.48 4.16
CA SER A 63 16.51 6.72 4.08
C SER A 63 17.97 6.40 3.68
N ASN A 64 18.14 5.72 2.58
CA ASN A 64 19.46 5.49 1.94
C ASN A 64 19.45 6.17 0.61
N ASN A 65 20.25 5.72 -0.37
CA ASN A 65 20.14 6.36 -1.71
C ASN A 65 20.01 5.31 -2.72
N LEU A 66 19.15 4.32 -2.44
CA LEU A 66 19.17 3.15 -3.31
C LEU A 66 18.56 3.52 -4.71
N SER A 67 19.20 2.98 -5.75
CA SER A 67 18.69 3.11 -7.11
C SER A 67 18.61 1.76 -7.79
N THR A 68 19.33 0.74 -7.32
CA THR A 68 19.24 -0.57 -7.97
C THR A 68 19.29 -1.65 -6.89
N ILE A 69 18.34 -2.55 -6.94
CA ILE A 69 18.45 -3.82 -6.18
C ILE A 69 18.59 -4.91 -7.19
N TYR A 70 19.80 -5.49 -7.29
CA TYR A 70 20.10 -6.47 -8.34
C TYR A 70 19.39 -7.79 -8.03
N PRO A 71 19.11 -8.59 -9.09
CA PRO A 71 18.47 -9.87 -8.93
C PRO A 71 19.16 -10.76 -7.94
N GLY A 72 18.35 -11.43 -7.09
CA GLY A 72 18.92 -12.42 -6.17
C GLY A 72 19.25 -11.86 -4.82
N THR A 73 19.18 -10.54 -4.66
CA THR A 73 19.58 -9.88 -3.41
C THR A 73 18.89 -10.55 -2.19
N PHE A 74 17.55 -10.73 -2.29
CA PHE A 74 16.81 -11.17 -1.10
C PHE A 74 16.49 -12.69 -1.14
N ARG A 75 17.01 -13.39 -2.16
CA ARG A 75 16.48 -14.68 -2.49
C ARG A 75 16.68 -15.69 -1.37
N HIS A 76 17.76 -15.59 -0.60
CA HIS A 76 17.98 -16.55 0.48
C HIS A 76 17.63 -16.02 1.84
N LEU A 77 16.86 -14.94 1.92
CA LEU A 77 16.40 -14.44 3.25
C LEU A 77 15.02 -15.04 3.61
N GLN A 78 14.97 -16.39 3.64
CA GLN A 78 13.71 -17.10 3.89
C GLN A 78 13.10 -16.70 5.20
N ALA A 79 13.91 -16.42 6.21
CA ALA A 79 13.39 -16.10 7.52
C ALA A 79 12.92 -14.67 7.70
N LEU A 80 13.21 -13.81 6.71
CA LEU A 80 12.94 -12.35 6.94
C LEU A 80 11.48 -12.02 7.21
N GLU A 81 11.23 -11.28 8.30
CA GLU A 81 9.89 -10.87 8.67
C GLU A 81 9.56 -9.41 8.38
N GLU A 82 10.55 -8.53 8.38
CA GLU A 82 10.26 -7.10 8.18
C GLU A 82 11.33 -6.54 7.26
N LEU A 83 10.91 -5.84 6.20
CA LEU A 83 11.88 -5.27 5.26
C LEU A 83 11.40 -3.81 5.03
N ASP A 84 12.21 -2.82 5.40
CA ASP A 84 11.80 -1.45 5.21
C ASP A 84 12.77 -0.82 4.19
N LEU A 85 12.27 -0.51 2.99
CA LEU A 85 13.09 0.13 1.95
C LEU A 85 12.60 1.55 1.66
N GLY A 86 11.87 2.11 2.59
CA GLY A 86 11.19 3.43 2.40
C GLY A 86 12.17 4.59 2.25
N ASP A 87 11.66 5.67 1.68
CA ASP A 87 12.47 6.92 1.58
C ASP A 87 13.80 6.71 0.78
N ASN A 88 13.76 5.99 -0.31
CA ASN A 88 14.85 5.94 -1.21
C ASN A 88 14.33 6.60 -2.48
N ARG A 89 14.56 7.92 -2.53
CA ARG A 89 13.87 8.73 -3.58
C ARG A 89 14.28 8.44 -5.01
N HIS A 90 15.38 7.74 -5.24
CA HIS A 90 15.82 7.46 -6.59
C HIS A 90 15.62 5.98 -6.93
N LEU A 91 14.86 5.26 -6.11
CA LEU A 91 14.80 3.85 -6.41
C LEU A 91 14.10 3.52 -7.83
N ARG A 92 12.95 4.08 -7.98
CA ARG A 92 12.18 4.18 -9.27
C ARG A 92 11.57 2.93 -9.86
N SER A 93 12.27 1.82 -9.90
CA SER A 93 11.63 0.62 -10.36
C SER A 93 12.24 -0.58 -9.61
N LEU A 94 11.55 -1.71 -9.69
CA LEU A 94 11.94 -2.93 -9.05
C LEU A 94 11.85 -4.02 -10.08
N GLU A 95 12.81 -4.92 -10.08
CA GLU A 95 12.69 -6.04 -11.05
C GLU A 95 11.65 -7.05 -10.53
N PRO A 96 11.04 -7.87 -11.43
CA PRO A 96 9.90 -8.65 -11.03
C PRO A 96 10.17 -9.70 -9.96
N ASP A 97 11.44 -10.15 -9.79
CA ASP A 97 11.68 -11.18 -8.81
C ASP A 97 12.31 -10.63 -7.53
N THR A 98 12.20 -9.31 -7.32
CA THR A 98 12.89 -8.68 -6.20
C THR A 98 12.54 -9.41 -4.89
N PHE A 99 11.25 -9.78 -4.67
CA PHE A 99 10.87 -10.35 -3.36
C PHE A 99 10.83 -11.85 -3.30
N GLN A 100 11.28 -12.51 -4.36
CA GLN A 100 11.30 -13.96 -4.41
C GLN A 100 12.22 -14.46 -3.31
N GLY A 101 11.70 -15.43 -2.57
CA GLY A 101 12.40 -15.96 -1.40
C GLY A 101 11.65 -15.56 -0.15
N LEU A 102 10.91 -14.41 -0.18
CA LEU A 102 10.56 -13.79 1.13
C LEU A 102 9.16 -14.30 1.60
N GLU A 103 8.99 -15.62 1.67
CA GLU A 103 7.70 -16.17 2.00
C GLU A 103 7.28 -16.00 3.48
N ARG A 104 8.17 -15.56 4.39
CA ARG A 104 7.82 -15.35 5.78
C ARG A 104 7.66 -13.87 6.09
N LEU A 105 7.82 -13.02 5.05
CA LEU A 105 7.84 -11.59 5.28
C LEU A 105 6.45 -11.14 5.76
N GLN A 106 6.43 -10.34 6.84
CA GLN A 106 5.14 -9.88 7.38
C GLN A 106 4.89 -8.38 7.10
N SER A 107 5.93 -7.58 6.98
CA SER A 107 5.77 -6.11 6.77
C SER A 107 6.73 -5.76 5.65
N LEU A 108 6.24 -4.99 4.66
CA LEU A 108 7.16 -4.55 3.57
C LEU A 108 6.83 -3.08 3.33
N HIS A 109 7.87 -2.25 3.51
CA HIS A 109 7.68 -0.78 3.45
C HIS A 109 8.39 -0.31 2.19
N LEU A 110 7.66 0.38 1.31
CA LEU A 110 8.16 0.89 0.04
C LEU A 110 7.68 2.36 -0.13
N TYR A 111 7.42 3.02 0.98
CA TYR A 111 6.86 4.40 0.94
C TYR A 111 7.97 5.34 0.42
N ARG A 112 7.53 6.38 -0.30
CA ARG A 112 8.46 7.39 -0.80
C ARG A 112 9.68 6.93 -1.56
N CYS A 113 9.54 6.08 -2.59
CA CYS A 113 10.58 5.67 -3.45
C CYS A 113 10.42 6.02 -4.99
N GLN A 114 9.59 6.96 -5.26
CA GLN A 114 9.39 7.25 -6.69
C GLN A 114 8.99 6.10 -7.63
N LEU A 115 8.23 5.10 -7.17
CA LEU A 115 7.82 4.01 -8.04
C LEU A 115 6.70 4.57 -8.95
N SER A 116 6.78 4.35 -10.26
CA SER A 116 5.69 4.81 -11.12
C SER A 116 4.83 3.67 -11.57
N SER A 117 5.42 2.49 -11.52
CA SER A 117 4.72 1.25 -11.87
C SER A 117 5.35 0.11 -11.06
N LEU A 118 4.66 -1.01 -10.99
CA LEU A 118 5.23 -2.22 -10.47
C LEU A 118 5.07 -3.34 -11.48
N PRO A 119 6.01 -4.33 -11.52
CA PRO A 119 5.71 -5.57 -12.25
C PRO A 119 4.47 -6.24 -11.74
N GLY A 120 3.63 -6.84 -12.64
CA GLY A 120 2.34 -7.38 -12.25
C GLY A 120 2.52 -8.53 -11.29
N ASN A 121 3.70 -9.18 -11.25
CA ASN A 121 3.87 -10.35 -10.40
C ASN A 121 4.86 -10.11 -9.27
N ILE A 122 5.11 -8.86 -8.98
CA ILE A 122 6.10 -8.49 -7.96
C ILE A 122 5.76 -9.00 -6.53
N PHE A 123 4.49 -9.18 -6.17
CA PHE A 123 4.17 -9.65 -4.83
C PHE A 123 3.76 -11.11 -4.80
N ARG A 124 4.03 -11.82 -5.90
CA ARG A 124 3.62 -13.24 -5.90
C ARG A 124 4.35 -14.03 -4.76
N GLY A 125 3.57 -14.94 -4.13
CA GLY A 125 4.17 -15.87 -3.21
C GLY A 125 4.37 -15.28 -1.82
N LEU A 126 4.01 -14.01 -1.61
CA LEU A 126 4.27 -13.34 -0.27
C LEU A 126 3.14 -13.66 0.71
N VAL A 127 3.01 -14.95 1.03
CA VAL A 127 1.81 -15.44 1.66
C VAL A 127 1.72 -15.02 3.12
N SER A 128 2.85 -14.70 3.73
CA SER A 128 2.85 -14.22 5.12
C SER A 128 2.55 -12.72 5.28
N LEU A 129 2.53 -11.98 4.16
CA LEU A 129 2.52 -10.53 4.30
C LEU A 129 1.23 -10.00 4.96
N GLN A 130 1.40 -9.17 6.01
CA GLN A 130 0.24 -8.57 6.66
C GLN A 130 0.16 -7.06 6.50
N TYR A 131 1.29 -6.40 6.28
CA TYR A 131 1.26 -4.93 6.11
C TYR A 131 2.08 -4.58 4.87
N LEU A 132 1.46 -3.78 3.97
CA LEU A 132 2.20 -3.37 2.75
C LEU A 132 2.00 -1.87 2.54
N TYR A 133 3.12 -1.14 2.57
CA TYR A 133 3.09 0.34 2.57
C TYR A 133 3.70 0.80 1.25
N LEU A 134 2.82 1.36 0.38
CA LEU A 134 3.24 1.81 -0.93
C LEU A 134 2.87 3.28 -1.08
N GLN A 135 2.62 3.94 0.05
CA GLN A 135 2.14 5.31 -0.04
C GLN A 135 3.21 6.29 -0.51
N GLU A 136 2.77 7.43 -1.10
CA GLU A 136 3.66 8.53 -1.51
C GLU A 136 4.75 8.12 -2.48
N ASN A 137 4.41 7.30 -3.46
CA ASN A 137 5.21 7.05 -4.62
C ASN A 137 4.54 7.89 -5.73
N SER A 138 4.68 7.45 -6.94
CA SER A 138 4.07 8.17 -8.12
C SER A 138 3.29 7.15 -8.96
N LEU A 139 2.63 6.19 -8.29
CA LEU A 139 2.10 5.02 -9.02
C LEU A 139 0.96 5.50 -9.91
N LEU A 140 0.95 5.04 -11.16
CA LEU A 140 -0.02 5.57 -12.10
C LEU A 140 -1.16 4.57 -12.26
N HIS A 141 -0.89 3.27 -12.12
CA HIS A 141 -1.95 2.25 -12.22
C HIS A 141 -1.63 1.10 -11.35
N LEU A 142 -2.64 0.35 -10.97
CA LEU A 142 -2.42 -0.97 -10.37
C LEU A 142 -3.09 -2.05 -11.22
N GLN A 143 -2.34 -3.11 -11.54
CA GLN A 143 -2.93 -4.15 -12.41
C GLN A 143 -3.89 -5.01 -11.65
N ASP A 144 -4.84 -5.64 -12.38
CA ASP A 144 -5.58 -6.73 -11.76
C ASP A 144 -4.61 -7.78 -11.22
N ASP A 145 -4.96 -8.41 -10.08
CA ASP A 145 -4.15 -9.51 -9.48
C ASP A 145 -2.78 -9.14 -9.00
N LEU A 146 -2.55 -7.84 -8.86
CA LEU A 146 -1.27 -7.37 -8.31
C LEU A 146 -1.05 -7.87 -6.86
N PHE A 147 -2.13 -8.13 -6.13
CA PHE A 147 -2.05 -8.62 -4.75
C PHE A 147 -2.68 -9.99 -4.53
N ALA A 148 -2.76 -10.79 -5.60
CA ALA A 148 -3.60 -11.94 -5.57
C ALA A 148 -3.22 -13.07 -4.62
N ASP A 149 -1.96 -13.10 -4.21
CA ASP A 149 -1.50 -14.16 -3.30
C ASP A 149 -1.53 -13.69 -1.85
N LEU A 150 -1.92 -12.43 -1.61
CA LEU A 150 -1.70 -11.82 -0.26
C LEU A 150 -2.89 -12.08 0.68
N ALA A 151 -3.18 -13.36 0.89
CA ALA A 151 -4.31 -13.82 1.62
C ALA A 151 -4.35 -13.37 3.08
N ASN A 152 -3.19 -13.03 3.64
CA ASN A 152 -3.18 -12.58 5.02
C ASN A 152 -3.00 -11.07 5.20
N LEU A 153 -3.01 -10.34 4.09
CA LEU A 153 -2.72 -8.90 4.18
C LEU A 153 -3.85 -8.18 4.95
N SER A 154 -3.46 -7.42 5.95
CA SER A 154 -4.44 -6.73 6.82
C SER A 154 -4.46 -5.19 6.49
N HIS A 155 -3.30 -4.54 6.20
CA HIS A 155 -3.31 -3.12 5.90
C HIS A 155 -2.62 -2.96 4.53
N LEU A 156 -3.31 -2.20 3.68
CA LEU A 156 -2.70 -1.83 2.41
C LEU A 156 -2.78 -0.32 2.24
N PHE A 157 -1.59 0.33 2.21
CA PHE A 157 -1.58 1.82 2.16
C PHE A 157 -1.08 2.24 0.78
N LEU A 158 -1.99 2.92 0.07
CA LEU A 158 -1.69 3.35 -1.31
C LEU A 158 -1.96 4.83 -1.52
N HIS A 159 -2.09 5.56 -0.42
CA HIS A 159 -2.37 6.97 -0.51
C HIS A 159 -1.23 7.79 -1.09
N GLY A 160 -1.62 8.95 -1.69
CA GLY A 160 -0.57 9.85 -2.20
C GLY A 160 0.14 9.36 -3.43
N ASN A 161 -0.48 8.51 -4.22
CA ASN A 161 0.07 8.17 -5.52
C ASN A 161 -0.65 8.93 -6.64
N ARG A 162 -0.63 8.41 -7.86
CA ARG A 162 -1.31 9.11 -8.97
C ARG A 162 -2.37 8.22 -9.64
N LEU A 163 -3.02 7.35 -8.86
CA LEU A 163 -3.97 6.36 -9.41
C LEU A 163 -5.22 7.05 -9.96
N ARG A 164 -5.69 6.58 -11.13
CA ARG A 164 -6.94 7.13 -11.69
C ARG A 164 -8.07 6.16 -11.67
N LEU A 165 -7.82 4.84 -11.71
CA LEU A 165 -8.93 3.86 -11.80
C LEU A 165 -8.70 2.69 -10.90
N LEU A 166 -9.74 2.07 -10.37
CA LEU A 166 -9.56 0.80 -9.72
C LEU A 166 -10.36 -0.15 -10.61
N THR A 167 -9.62 -1.12 -11.18
CA THR A 167 -10.23 -2.13 -12.09
C THR A 167 -10.89 -3.27 -11.40
N GLU A 168 -11.57 -4.12 -12.20
CA GLU A 168 -12.36 -5.22 -11.62
C GLU A 168 -11.69 -6.11 -10.61
N HIS A 169 -10.46 -6.55 -10.89
CA HIS A 169 -9.85 -7.53 -10.00
C HIS A 169 -8.62 -6.96 -9.32
N VAL A 170 -8.51 -5.61 -9.25
CA VAL A 170 -7.27 -5.08 -8.62
C VAL A 170 -7.04 -5.62 -7.15
N PHE A 171 -8.13 -5.91 -6.45
CA PHE A 171 -8.04 -6.33 -5.07
C PHE A 171 -8.38 -7.75 -4.92
N ARG A 172 -8.31 -8.56 -6.01
CA ARG A 172 -8.61 -9.95 -5.83
C ARG A 172 -7.57 -10.61 -4.92
N GLY A 173 -8.03 -11.50 -4.02
CA GLY A 173 -7.14 -12.28 -3.17
C GLY A 173 -6.97 -11.60 -1.77
N LEU A 174 -7.60 -10.44 -1.55
CA LEU A 174 -7.33 -9.69 -0.30
C LEU A 174 -8.47 -9.97 0.74
N GLY A 175 -8.78 -11.26 0.98
CA GLY A 175 -9.88 -11.65 1.88
C GLY A 175 -9.68 -11.26 3.35
N SER A 176 -8.44 -10.99 3.77
CA SER A 176 -8.21 -10.61 5.18
C SER A 176 -8.11 -9.11 5.34
N LEU A 177 -8.20 -8.35 4.25
CA LEU A 177 -7.86 -6.93 4.39
C LEU A 177 -8.81 -6.16 5.34
N ASP A 178 -8.21 -5.36 6.25
CA ASP A 178 -8.98 -4.64 7.28
C ASP A 178 -8.96 -3.17 6.94
N ARG A 179 -7.82 -2.63 6.40
CA ARG A 179 -7.78 -1.17 6.14
C ARG A 179 -7.16 -0.89 4.74
N LEU A 180 -7.83 -0.06 3.95
CA LEU A 180 -7.35 0.23 2.58
C LEU A 180 -7.38 1.76 2.48
N LEU A 181 -6.18 2.33 2.35
CA LEU A 181 -6.06 3.83 2.30
C LEU A 181 -5.68 4.19 0.86
N LEU A 182 -6.60 4.93 0.25
CA LEU A 182 -6.40 5.38 -1.15
C LEU A 182 -6.61 6.84 -1.33
N HIS A 183 -6.58 7.59 -0.24
CA HIS A 183 -6.71 9.05 -0.38
C HIS A 183 -5.54 9.72 -1.04
N GLY A 184 -5.76 10.92 -1.60
CA GLY A 184 -4.71 11.73 -2.23
C GLY A 184 -4.18 11.08 -3.53
N ASN A 185 -5.02 10.31 -4.24
CA ASN A 185 -4.66 9.92 -5.60
C ASN A 185 -5.38 10.84 -6.58
N ARG A 186 -5.66 10.36 -7.78
CA ARG A 186 -6.58 11.13 -8.66
C ARG A 186 -7.69 10.27 -9.12
N LEU A 187 -8.31 9.53 -8.21
CA LEU A 187 -9.17 8.45 -8.69
C LEU A 187 -10.38 9.11 -9.37
N GLN A 188 -10.78 8.57 -10.54
CA GLN A 188 -12.00 9.03 -11.25
C GLN A 188 -13.00 7.94 -11.43
N GLY A 189 -12.56 6.67 -11.30
CA GLY A 189 -13.43 5.58 -11.59
C GLY A 189 -13.16 4.39 -10.73
N VAL A 190 -14.20 3.83 -10.15
CA VAL A 190 -14.11 2.55 -9.44
C VAL A 190 -15.01 1.52 -10.11
N HIS A 191 -14.43 0.42 -10.61
CA HIS A 191 -15.25 -0.62 -11.23
C HIS A 191 -16.28 -1.12 -10.21
N ARG A 192 -17.49 -1.47 -10.70
CA ARG A 192 -18.56 -1.92 -9.80
C ARG A 192 -18.21 -3.12 -8.95
N ALA A 193 -17.27 -3.96 -9.42
CA ALA A 193 -16.90 -5.15 -8.66
C ALA A 193 -15.47 -5.01 -8.07
N ALA A 194 -14.89 -3.83 -8.11
CA ALA A 194 -13.53 -3.62 -7.54
C ALA A 194 -13.35 -4.04 -6.06
N PHE A 195 -14.42 -4.05 -5.26
CA PHE A 195 -14.30 -4.41 -3.83
C PHE A 195 -14.81 -5.81 -3.54
N HIS A 196 -15.18 -6.53 -4.61
CA HIS A 196 -15.63 -7.89 -4.35
C HIS A 196 -14.66 -8.73 -3.54
N GLY A 197 -15.18 -9.39 -2.52
CA GLY A 197 -14.35 -10.30 -1.72
C GLY A 197 -13.65 -9.61 -0.54
N LEU A 198 -13.78 -8.26 -0.46
CA LEU A 198 -13.14 -7.53 0.66
C LEU A 198 -14.12 -7.61 1.87
N SER A 199 -14.38 -8.83 2.31
CA SER A 199 -15.45 -9.10 3.33
C SER A 199 -15.06 -8.76 4.70
N ARG A 200 -13.77 -8.51 4.93
CA ARG A 200 -13.37 -8.16 6.27
C ARG A 200 -12.96 -6.68 6.39
N LEU A 201 -13.11 -5.94 5.30
CA LEU A 201 -12.56 -4.57 5.28
C LEU A 201 -13.43 -3.68 6.25
N THR A 202 -12.78 -3.04 7.22
CA THR A 202 -13.56 -2.10 8.07
C THR A 202 -13.32 -0.61 7.83
N ILE A 203 -12.16 -0.22 7.27
CA ILE A 203 -11.84 1.17 7.08
C ILE A 203 -11.41 1.38 5.62
N LEU A 204 -12.07 2.33 4.97
CA LEU A 204 -11.75 2.69 3.58
C LEU A 204 -11.60 4.20 3.53
N TYR A 205 -10.43 4.71 3.11
CA TYR A 205 -10.30 6.14 2.83
C TYR A 205 -10.23 6.37 1.34
N LEU A 206 -11.16 7.18 0.83
CA LEU A 206 -11.11 7.55 -0.60
C LEU A 206 -11.14 9.07 -0.72
N PHE A 207 -10.79 9.77 0.38
CA PHE A 207 -10.92 11.21 0.33
C PHE A 207 -9.83 11.85 -0.49
N ASN A 208 -10.06 13.09 -0.93
CA ASN A 208 -9.10 13.83 -1.73
C ASN A 208 -8.69 13.07 -3.01
N ASN A 209 -9.70 12.82 -3.86
CA ASN A 209 -9.48 12.21 -5.16
C ASN A 209 -10.32 13.01 -6.18
N SER A 210 -10.65 12.36 -7.31
CA SER A 210 -11.45 13.11 -8.35
C SER A 210 -12.74 12.39 -8.64
N LEU A 211 -13.37 11.80 -7.63
CA LEU A 211 -14.50 10.96 -7.86
C LEU A 211 -15.77 11.79 -7.99
N ALA A 212 -16.43 11.63 -9.10
CA ALA A 212 -17.77 12.31 -9.22
C ALA A 212 -18.86 11.35 -8.76
N SER A 213 -18.61 10.04 -8.82
CA SER A 213 -19.62 9.09 -8.32
C SER A 213 -18.93 7.83 -7.92
N LEU A 214 -19.64 6.95 -7.26
CA LEU A 214 -19.12 5.66 -6.88
C LEU A 214 -20.27 4.66 -7.02
N PRO A 215 -20.02 3.44 -7.55
CA PRO A 215 -21.10 2.46 -7.76
C PRO A 215 -21.60 1.93 -6.46
N GLY A 216 -22.94 1.81 -6.41
CA GLY A 216 -23.58 1.15 -5.29
C GLY A 216 -23.15 -0.28 -5.07
N GLU A 217 -22.86 -1.05 -6.12
CA GLU A 217 -22.47 -2.48 -5.92
C GLU A 217 -21.19 -2.53 -5.11
N ALA A 218 -20.37 -1.47 -5.22
CA ALA A 218 -19.01 -1.61 -4.66
C ALA A 218 -19.13 -1.48 -3.15
N LEU A 219 -19.93 -0.53 -2.69
CA LEU A 219 -20.08 -0.41 -1.19
C LEU A 219 -20.82 -1.63 -0.63
N ALA A 220 -21.73 -2.19 -1.40
CA ALA A 220 -22.45 -3.38 -0.96
C ALA A 220 -21.53 -4.60 -0.81
N ASP A 221 -20.38 -4.60 -1.50
CA ASP A 221 -19.43 -5.73 -1.36
C ASP A 221 -18.52 -5.56 -0.12
N LEU A 222 -18.77 -4.51 0.69
CA LEU A 222 -18.02 -4.33 1.92
C LEU A 222 -18.92 -4.55 3.16
N PRO A 223 -19.34 -5.80 3.44
CA PRO A 223 -20.31 -6.07 4.57
C PRO A 223 -19.75 -5.68 5.96
N ALA A 224 -18.43 -5.66 6.13
CA ALA A 224 -17.84 -5.33 7.40
C ALA A 224 -17.50 -3.86 7.61
N LEU A 225 -17.79 -3.04 6.63
CA LEU A 225 -17.31 -1.64 6.70
C LEU A 225 -17.83 -0.90 7.94
N GLU A 226 -16.92 -0.23 8.62
CA GLU A 226 -17.20 0.59 9.83
C GLU A 226 -17.00 2.10 9.58
N PHE A 227 -16.03 2.49 8.73
CA PHE A 227 -15.68 3.93 8.65
C PHE A 227 -15.26 4.19 7.18
N LEU A 228 -15.88 5.15 6.56
CA LEU A 228 -15.63 5.48 5.18
C LEU A 228 -15.34 6.93 5.08
N ARG A 229 -14.25 7.36 4.39
CA ARG A 229 -14.03 8.77 4.24
C ARG A 229 -14.09 9.04 2.72
N LEU A 230 -14.93 10.03 2.34
CA LEU A 230 -15.27 10.31 0.93
C LEU A 230 -15.15 11.75 0.62
N ASN A 231 -14.75 12.57 1.61
CA ASN A 231 -14.73 14.03 1.43
C ASN A 231 -13.63 14.54 0.41
N ALA A 232 -13.72 15.81 -0.04
CA ALA A 232 -12.74 16.39 -0.96
C ALA A 232 -12.72 15.56 -2.29
N ASN A 233 -13.94 15.25 -2.75
CA ASN A 233 -14.11 14.74 -4.09
C ASN A 233 -15.25 15.57 -4.72
N PRO A 234 -15.19 15.74 -6.02
CA PRO A 234 -16.23 16.57 -6.71
C PRO A 234 -17.54 15.80 -6.94
N TRP A 235 -18.24 15.45 -5.89
CA TRP A 235 -19.45 14.61 -5.97
C TRP A 235 -20.52 15.29 -6.84
N ALA A 236 -21.04 14.53 -7.83
CA ALA A 236 -22.16 14.95 -8.74
C ALA A 236 -23.47 14.58 -8.08
N CYS A 237 -24.27 15.55 -7.65
CA CYS A 237 -25.52 15.17 -6.99
C CYS A 237 -26.66 15.16 -8.01
N ASP A 238 -26.46 14.41 -9.07
CA ASP A 238 -27.48 14.24 -10.10
C ASP A 238 -27.83 12.78 -10.11
N CYS A 239 -28.37 12.27 -11.23
CA CYS A 239 -28.83 10.89 -11.23
C CYS A 239 -27.66 9.90 -10.94
N ARG A 240 -26.44 10.31 -11.23
CA ARG A 240 -25.26 9.49 -10.91
C ARG A 240 -25.17 9.16 -9.42
N ALA A 241 -25.71 10.04 -8.57
CA ALA A 241 -25.60 9.84 -7.10
C ALA A 241 -26.52 8.82 -6.58
N ARG A 242 -27.52 8.39 -7.40
CA ARG A 242 -28.58 7.56 -6.76
C ARG A 242 -28.10 6.23 -6.09
N PRO A 243 -27.18 5.48 -6.75
CA PRO A 243 -26.77 4.24 -6.03
C PRO A 243 -26.07 4.51 -4.71
N LEU A 244 -25.20 5.50 -4.65
CA LEU A 244 -24.50 5.77 -3.37
C LEU A 244 -25.48 6.31 -2.31
N TRP A 245 -26.39 7.16 -2.79
CA TRP A 245 -27.43 7.73 -1.94
C TRP A 245 -28.25 6.59 -1.33
N ALA A 246 -28.63 5.63 -2.20
CA ALA A 246 -29.48 4.52 -1.76
C ALA A 246 -28.79 3.65 -0.74
N TRP A 247 -27.47 3.42 -0.94
CA TRP A 247 -26.71 2.58 -0.03
C TRP A 247 -26.69 3.27 1.31
N PHE A 248 -26.52 4.58 1.30
CA PHE A 248 -26.40 5.32 2.58
C PHE A 248 -27.73 5.32 3.35
N GLN A 249 -28.86 5.07 2.66
CA GLN A 249 -30.16 4.98 3.38
C GLN A 249 -30.17 3.81 4.36
N ARG A 250 -29.48 2.73 4.03
CA ARG A 250 -29.51 1.52 4.81
C ARG A 250 -28.26 1.37 5.66
N ALA A 251 -27.19 2.07 5.30
CA ALA A 251 -25.87 1.74 5.82
C ALA A 251 -25.68 2.14 7.27
N ARG A 252 -25.10 1.29 8.09
CA ARG A 252 -24.75 1.76 9.43
C ARG A 252 -23.23 1.86 9.54
N VAL A 253 -22.68 3.04 9.22
CA VAL A 253 -21.21 3.22 9.18
C VAL A 253 -20.90 4.64 9.66
N SER A 254 -19.71 4.91 10.17
CA SER A 254 -19.24 6.30 10.40
C SER A 254 -18.74 6.79 9.09
N SER A 255 -18.95 8.06 8.82
CA SER A 255 -18.60 8.61 7.52
C SER A 255 -18.14 10.01 7.66
N SER A 256 -17.37 10.45 6.69
CA SER A 256 -17.14 11.86 6.55
C SER A 256 -18.34 12.58 5.90
N ASP A 257 -18.21 13.88 5.63
CA ASP A 257 -19.17 14.61 4.74
C ASP A 257 -19.05 14.10 3.28
N VAL A 258 -20.13 14.22 2.53
CA VAL A 258 -20.11 13.82 1.13
C VAL A 258 -20.71 15.00 0.47
N THR A 259 -19.90 15.97 0.11
CA THR A 259 -20.41 17.30 -0.29
C THR A 259 -20.57 17.43 -1.80
N CYS A 260 -21.76 17.82 -2.28
CA CYS A 260 -22.01 17.93 -3.68
C CYS A 260 -21.17 19.03 -4.28
N ALA A 261 -20.50 18.73 -5.35
CA ALA A 261 -19.83 19.78 -6.12
C ALA A 261 -20.72 20.36 -7.24
N THR A 262 -21.57 19.49 -7.74
CA THR A 262 -22.47 19.82 -8.86
C THR A 262 -23.79 19.07 -8.58
N PRO A 263 -24.91 19.51 -9.23
CA PRO A 263 -25.07 20.71 -10.07
C PRO A 263 -25.06 21.99 -9.21
N PRO A 264 -24.96 23.18 -9.85
CA PRO A 264 -24.96 24.42 -9.04
C PRO A 264 -26.06 24.53 -7.96
N GLU A 265 -27.26 23.98 -8.20
CA GLU A 265 -28.42 24.10 -7.29
C GLU A 265 -28.31 23.22 -6.08
N ARG A 266 -27.31 22.34 -6.08
CA ARG A 266 -27.12 21.45 -4.91
C ARG A 266 -25.69 21.57 -4.33
N GLN A 267 -24.89 22.40 -4.97
CA GLN A 267 -23.50 22.59 -4.56
C GLN A 267 -23.48 22.98 -3.09
N GLY A 268 -22.69 22.22 -2.31
CA GLY A 268 -22.48 22.50 -0.90
C GLY A 268 -23.31 21.67 0.06
N ARG A 269 -24.37 21.04 -0.45
CA ARG A 269 -25.23 20.22 0.33
C ARG A 269 -24.55 18.86 0.46
N ASP A 270 -24.90 18.09 1.50
CA ASP A 270 -24.43 16.73 1.57
C ASP A 270 -25.28 15.83 0.66
N LEU A 271 -24.62 14.94 -0.10
CA LEU A 271 -25.34 13.94 -0.89
C LEU A 271 -26.44 13.16 -0.11
N ARG A 272 -26.23 12.90 1.19
CA ARG A 272 -27.36 12.33 2.01
C ARG A 272 -28.57 13.27 2.28
N THR A 273 -28.47 14.54 1.97
CA THR A 273 -29.65 15.34 2.22
C THR A 273 -30.66 15.19 1.08
N LEU A 274 -30.24 14.61 -0.06
CA LEU A 274 -31.22 14.33 -1.17
C LEU A 274 -32.37 13.39 -0.74
N ARG A 275 -33.51 13.50 -1.43
CA ARG A 275 -34.65 12.67 -1.12
C ARG A 275 -35.04 11.89 -2.37
N ASP A 276 -35.75 10.80 -2.17
CA ASP A 276 -36.27 9.95 -3.25
C ASP A 276 -36.82 10.78 -4.43
N THR A 277 -37.58 11.83 -4.16
CA THR A 277 -38.16 12.73 -5.21
C THR A 277 -37.12 13.36 -6.11
N ASP A 278 -35.91 13.55 -5.58
CA ASP A 278 -34.86 14.16 -6.42
C ASP A 278 -34.36 13.21 -7.52
N PHE A 279 -34.67 11.94 -7.37
CA PHE A 279 -34.20 10.91 -8.33
C PHE A 279 -35.34 10.33 -9.17
N GLN A 280 -36.56 10.81 -8.94
CA GLN A 280 -37.75 10.25 -9.67
C GLN A 280 -37.59 10.32 -11.21
N ALA A 281 -36.96 11.34 -11.76
CA ALA A 281 -36.85 11.50 -13.19
C ALA A 281 -35.57 10.84 -13.86
N CYS A 282 -34.92 9.93 -13.12
CA CYS A 282 -33.61 9.35 -13.57
C CYS A 282 -33.82 8.15 -14.52
#